data_6IDS
#
_entry.id   6IDS
#
_cell.length_a   62.468
_cell.length_b   90.149
_cell.length_c   102.257
_cell.angle_alpha   90.000
_cell.angle_beta   90.000
_cell.angle_gamma   90.000
#
_symmetry.space_group_name_H-M   'P 21 21 21'
#
loop_
_entity.id
_entity.type
_entity.pdbx_description
1 polymer 'MATE family efflux transporter'
2 non-polymer '(2R)-2,3-dihydroxypropyl (9Z)-octadec-9-enoate'
3 water water
#
_entity_poly.entity_id   1
_entity_poly.type   'polypeptide(L)'
_entity_poly.pdbx_seq_one_letter_code
;MAMQTSTSSLAKQLFQMTWPMLFGVLSLMSFQLVNSAFIGQLGVLPLAAQGFTMPIQMVIIGIQVGLGIATTAVISRAIG
AGKTEYAKQLGGLVIVIGGIGVALIALVLYLLRQPLLGLLGAPETVFAIIDHYWLWWLASAWTGAMLYFYYSVCRANGNT
LLPGTLMMVTSVLNLILDPIFIFTFDLGIDGAAIATIIAFGVGIAIVAPKVAQRQWTSYQWQDLNISQSLTALGHIMGPA
MLSQLLPPLSSMFATKLLASFGTAAVAAWALGSRFEFFALVAVLAMTMSLPPMIGRMLGAKEITHIRQLVRIACQFVLGF
QLLIALVTYVFATPLAELMTSETEVSQILNLHLVIVPISLGALGICMLMVSVANALGKSYVALTISALRLFAFYLPCLWL
GAHFYGIEGLFIGALVGNIIAGWAAWLAYQKALRSENLYFQ
;
_entity_poly.pdbx_strand_id   A
#
loop_
_chem_comp.id
_chem_comp.type
_chem_comp.name
_chem_comp.formula
OLC non-polymer '(2R)-2,3-dihydroxypropyl (9Z)-octadec-9-enoate' 'C21 H40 O4'
#
# COMPACT_ATOMS: atom_id res chain seq x y z
N GLN A 4 20.57 14.74 23.80
CA GLN A 4 20.50 13.29 23.76
C GLN A 4 19.06 12.80 23.80
N THR A 5 18.21 13.54 24.50
CA THR A 5 16.79 13.18 24.61
C THR A 5 16.09 13.37 23.26
N SER A 6 16.60 14.31 22.48
CA SER A 6 16.02 14.64 21.17
C SER A 6 15.93 13.43 20.25
N THR A 7 17.02 12.71 20.12
CA THR A 7 17.05 11.47 19.33
C THR A 7 16.12 10.43 19.96
N SER A 8 16.20 10.30 21.28
CA SER A 8 15.36 9.37 22.02
C SER A 8 13.88 9.73 21.91
N SER A 9 13.58 11.02 21.97
CA SER A 9 12.20 11.50 21.90
C SER A 9 11.60 11.22 20.53
N LEU A 10 12.38 11.46 19.49
CA LEU A 10 11.95 11.23 18.11
C LEU A 10 11.75 9.75 17.83
N ALA A 11 12.70 8.94 18.29
CA ALA A 11 12.64 7.49 18.10
C ALA A 11 11.42 6.89 18.78
N LYS A 12 11.05 7.44 19.94
CA LYS A 12 9.90 6.95 20.70
C LYS A 12 8.60 7.44 20.10
N GLN A 13 8.63 8.66 19.56
CA GLN A 13 7.46 9.20 18.87
C GLN A 13 7.16 8.39 17.62
N LEU A 14 8.22 8.00 16.92
CA LEU A 14 8.08 7.20 15.70
C LEU A 14 7.52 5.82 16.01
N PHE A 15 7.98 5.24 17.11
CA PHE A 15 7.55 3.90 17.50
C PHE A 15 6.09 3.87 17.90
N GLN A 16 5.67 4.85 18.69
CA GLN A 16 4.28 4.94 19.12
C GLN A 16 3.36 5.26 17.95
N MET A 17 3.91 5.89 16.92
CA MET A 17 3.13 6.22 15.73
C MET A 17 3.04 5.05 14.76
N THR A 18 4.03 4.16 14.80
CA THR A 18 4.15 3.11 13.80
C THR A 18 3.53 1.78 14.22
N TRP A 19 3.66 1.43 15.51
CA TRP A 19 3.21 0.11 15.97
C TRP A 19 1.69 -0.10 15.82
N PRO A 20 0.88 0.95 15.99
CA PRO A 20 -0.53 0.63 15.71
C PRO A 20 -0.78 0.45 14.22
N MET A 21 -0.04 1.19 13.38
CA MET A 21 -0.15 1.00 11.94
C MET A 21 0.33 -0.39 11.55
N LEU A 22 1.26 -0.93 12.32
CA LEU A 22 1.87 -2.22 11.99
C LEU A 22 0.89 -3.36 12.24
N PHE A 23 0.26 -3.34 13.41
CA PHE A 23 -0.73 -4.36 13.76
C PHE A 23 -1.93 -4.28 12.83
N GLY A 24 -2.22 -3.08 12.35
CA GLY A 24 -3.31 -2.87 11.41
C GLY A 24 -3.01 -3.48 10.06
N VAL A 25 -1.81 -3.21 9.56
CA VAL A 25 -1.36 -3.74 8.27
C VAL A 25 -1.31 -5.26 8.30
N LEU A 26 -0.84 -5.82 9.41
CA LEU A 26 -0.78 -7.28 9.56
C LEU A 26 -2.17 -7.91 9.57
N SER A 27 -3.15 -7.20 10.12
CA SER A 27 -4.50 -7.72 10.20
C SER A 27 -5.12 -7.88 8.81
N LEU A 28 -4.95 -6.87 7.97
CA LEU A 28 -5.50 -6.87 6.62
C LEU A 28 -4.96 -8.05 5.79
N MET A 29 -3.64 -8.10 5.62
CA MET A 29 -3.00 -9.15 4.83
C MET A 29 -3.33 -10.56 5.34
N SER A 30 -3.48 -10.70 6.66
CA SER A 30 -3.85 -11.97 7.26
C SER A 30 -5.24 -12.40 6.85
N PHE A 31 -6.20 -11.47 6.94
CA PHE A 31 -7.58 -11.77 6.57
C PHE A 31 -7.73 -12.05 5.08
N GLN A 32 -7.09 -11.24 4.24
CA GLN A 32 -7.18 -11.40 2.79
C GLN A 32 -6.70 -12.78 2.35
N LEU A 33 -5.81 -13.37 3.14
CA LEU A 33 -5.33 -14.72 2.87
C LEU A 33 -6.39 -15.75 3.24
N VAL A 34 -6.99 -15.57 4.42
CA VAL A 34 -8.07 -16.44 4.88
C VAL A 34 -9.31 -16.29 4.01
N ASN A 35 -9.50 -15.08 3.47
CA ASN A 35 -10.64 -14.82 2.58
C ASN A 35 -10.51 -15.57 1.25
N SER A 36 -9.29 -15.69 0.75
CA SER A 36 -9.04 -16.42 -0.49
C SER A 36 -9.30 -17.91 -0.31
N ALA A 37 -8.99 -18.41 0.89
CA ALA A 37 -9.23 -19.81 1.22
C ALA A 37 -10.73 -20.09 1.28
N PHE A 38 -11.50 -19.14 1.78
CA PHE A 38 -12.95 -19.28 1.86
C PHE A 38 -13.57 -19.30 0.46
N ILE A 39 -13.14 -18.37 -0.38
CA ILE A 39 -13.62 -18.30 -1.76
C ILE A 39 -13.19 -19.55 -2.53
N GLY A 40 -12.01 -20.07 -2.21
CA GLY A 40 -11.50 -21.25 -2.86
C GLY A 40 -12.31 -22.51 -2.60
N GLN A 41 -13.00 -22.56 -1.46
CA GLN A 41 -13.80 -23.73 -1.12
C GLN A 41 -15.12 -23.77 -1.88
N LEU A 42 -15.42 -22.69 -2.60
CA LEU A 42 -16.64 -22.60 -3.39
C LEU A 42 -16.49 -23.35 -4.71
N GLY A 43 -15.29 -23.32 -5.27
CA GLY A 43 -15.00 -24.01 -6.51
C GLY A 43 -13.93 -23.33 -7.33
N VAL A 44 -13.70 -23.87 -8.54
CA VAL A 44 -12.68 -23.34 -9.43
C VAL A 44 -13.15 -22.05 -10.10
N LEU A 45 -14.37 -22.10 -10.65
CA LEU A 45 -14.95 -20.94 -11.31
C LEU A 45 -15.14 -19.73 -10.37
N PRO A 46 -15.57 -19.95 -9.11
CA PRO A 46 -15.57 -18.78 -8.22
C PRO A 46 -14.18 -18.22 -7.96
N LEU A 47 -13.21 -19.10 -7.72
CA LEU A 47 -11.84 -18.66 -7.45
C LEU A 47 -11.24 -17.99 -8.68
N ALA A 48 -11.69 -18.40 -9.86
CA ALA A 48 -11.24 -17.80 -11.11
C ALA A 48 -11.85 -16.40 -11.25
N ALA A 49 -13.03 -16.20 -10.66
CA ALA A 49 -13.70 -14.91 -10.72
C ALA A 49 -13.01 -13.90 -9.81
N GLN A 50 -12.52 -14.38 -8.67
CA GLN A 50 -11.80 -13.53 -7.74
C GLN A 50 -10.43 -13.17 -8.28
N GLY A 51 -9.91 -14.02 -9.18
CA GLY A 51 -8.61 -13.80 -9.77
C GLY A 51 -8.59 -12.68 -10.78
N PHE A 52 -9.69 -12.55 -11.53
CA PHE A 52 -9.80 -11.51 -12.54
C PHE A 52 -10.29 -10.19 -11.94
N THR A 53 -10.55 -10.20 -10.63
CA THR A 53 -11.04 -9.01 -9.94
C THR A 53 -9.88 -8.26 -9.29
N MET A 54 -8.81 -8.98 -8.98
CA MET A 54 -7.63 -8.38 -8.37
C MET A 54 -6.98 -7.26 -9.22
N PRO A 55 -6.93 -7.42 -10.56
CA PRO A 55 -6.44 -6.30 -11.38
C PRO A 55 -7.14 -4.96 -11.13
N ILE A 56 -8.47 -4.95 -11.10
CA ILE A 56 -9.19 -3.70 -10.88
C ILE A 56 -9.07 -3.25 -9.42
N GLN A 57 -8.87 -4.19 -8.51
CA GLN A 57 -8.69 -3.86 -7.11
C GLN A 57 -7.43 -3.03 -6.91
N MET A 58 -6.32 -3.48 -7.51
CA MET A 58 -5.05 -2.80 -7.38
C MET A 58 -5.08 -1.41 -8.00
N VAL A 59 -6.02 -1.20 -8.93
CA VAL A 59 -6.21 0.11 -9.55
C VAL A 59 -7.05 0.99 -8.64
N ILE A 60 -8.09 0.41 -8.04
CA ILE A 60 -8.90 1.13 -7.07
C ILE A 60 -8.06 1.54 -5.87
N ILE A 61 -7.27 0.60 -5.34
CA ILE A 61 -6.38 0.88 -4.22
C ILE A 61 -5.30 1.87 -4.63
N GLY A 62 -4.88 1.81 -5.90
CA GLY A 62 -3.90 2.74 -6.42
C GLY A 62 -4.37 4.18 -6.35
N ILE A 63 -5.57 4.44 -6.90
CA ILE A 63 -6.21 5.73 -6.80
C ILE A 63 -6.42 6.12 -5.34
N GLN A 64 -6.80 5.12 -4.56
CA GLN A 64 -7.17 5.29 -3.16
C GLN A 64 -6.06 5.93 -2.32
N VAL A 65 -4.93 5.25 -2.20
CA VAL A 65 -3.84 5.72 -1.35
C VAL A 65 -3.12 6.93 -1.97
N GLY A 66 -3.35 7.15 -3.25
CA GLY A 66 -2.80 8.31 -3.93
C GLY A 66 -3.39 9.57 -3.34
N LEU A 67 -4.70 9.54 -3.07
CA LEU A 67 -5.39 10.67 -2.47
C LEU A 67 -5.03 10.81 -1.00
N GLY A 68 -4.85 9.68 -0.32
CA GLY A 68 -4.47 9.67 1.08
C GLY A 68 -3.09 10.26 1.31
N ILE A 69 -2.18 10.02 0.37
CA ILE A 69 -0.83 10.56 0.45
C ILE A 69 -0.86 12.08 0.34
N ALA A 70 -1.68 12.58 -0.59
CA ALA A 70 -1.86 14.02 -0.74
C ALA A 70 -2.55 14.59 0.49
N THR A 71 -3.58 13.89 0.97
CA THR A 71 -4.32 14.28 2.17
C THR A 71 -3.41 14.45 3.38
N THR A 72 -2.59 13.43 3.62
CA THR A 72 -1.69 13.41 4.75
C THR A 72 -0.66 14.53 4.66
N ALA A 73 -0.13 14.75 3.46
CA ALA A 73 0.91 15.75 3.26
C ALA A 73 0.40 17.18 3.38
N VAL A 74 -0.70 17.48 2.68
CA VAL A 74 -1.22 18.84 2.65
C VAL A 74 -1.83 19.28 3.99
N ILE A 75 -2.60 18.41 4.61
CA ILE A 75 -3.30 18.73 5.86
C ILE A 75 -2.35 18.84 7.04
N SER A 76 -1.49 17.86 7.22
CA SER A 76 -0.54 17.85 8.33
C SER A 76 0.40 19.05 8.28
N ARG A 77 0.72 19.51 7.08
CA ARG A 77 1.59 20.68 6.95
C ARG A 77 0.84 21.94 7.35
N ALA A 78 -0.47 21.95 7.13
CA ALA A 78 -1.30 23.09 7.52
C ALA A 78 -1.39 23.19 9.05
N ILE A 79 -1.42 22.04 9.71
CA ILE A 79 -1.46 22.00 11.17
C ILE A 79 -0.16 22.53 11.75
N GLY A 80 0.97 22.14 11.15
CA GLY A 80 2.27 22.60 11.58
C GLY A 80 2.43 24.11 11.42
N ALA A 81 1.75 24.67 10.43
CA ALA A 81 1.80 26.11 10.19
C ALA A 81 0.80 26.86 11.04
N GLY A 82 -0.09 26.13 11.70
CA GLY A 82 -1.08 26.74 12.55
C GLY A 82 -2.35 27.10 11.81
N LYS A 83 -2.45 26.67 10.54
CA LYS A 83 -3.65 26.90 9.75
C LYS A 83 -4.75 25.91 10.16
N THR A 84 -5.24 26.09 11.38
CA THR A 84 -6.20 25.16 11.99
C THR A 84 -7.50 25.02 11.20
N GLU A 85 -8.10 26.15 10.83
CA GLU A 85 -9.37 26.13 10.11
C GLU A 85 -9.20 25.57 8.69
N TYR A 86 -8.11 25.93 8.03
CA TYR A 86 -7.82 25.44 6.68
C TYR A 86 -7.58 23.94 6.69
N ALA A 87 -7.12 23.42 7.84
CA ALA A 87 -6.81 22.00 7.96
C ALA A 87 -8.07 21.13 8.01
N LYS A 88 -9.12 21.62 8.67
CA LYS A 88 -10.34 20.84 8.80
C LYS A 88 -11.27 21.03 7.61
N GLN A 89 -11.11 22.16 6.91
CA GLN A 89 -11.83 22.38 5.67
C GLN A 89 -11.31 21.43 4.59
N LEU A 90 -10.00 21.22 4.57
CA LEU A 90 -9.39 20.28 3.64
C LEU A 90 -9.82 18.86 3.94
N GLY A 91 -9.96 18.55 5.23
CA GLY A 91 -10.41 17.24 5.67
C GLY A 91 -11.77 16.90 5.10
N GLY A 92 -12.69 17.87 5.15
CA GLY A 92 -14.00 17.69 4.58
C GLY A 92 -13.98 17.65 3.06
N LEU A 93 -13.03 18.37 2.46
CA LEU A 93 -12.90 18.42 1.01
C LEU A 93 -12.39 17.10 0.44
N VAL A 94 -11.48 16.45 1.16
CA VAL A 94 -10.93 15.17 0.74
C VAL A 94 -12.02 14.10 0.72
N ILE A 95 -12.81 14.05 1.79
CA ILE A 95 -13.91 13.11 1.92
C ILE A 95 -14.91 13.26 0.76
N VAL A 96 -15.08 14.49 0.30
CA VAL A 96 -16.03 14.77 -0.78
C VAL A 96 -15.51 14.32 -2.14
N ILE A 97 -14.32 14.78 -2.51
CA ILE A 97 -13.74 14.44 -3.81
C ILE A 97 -13.39 12.96 -3.90
N GLY A 98 -13.14 12.36 -2.74
CA GLY A 98 -12.87 10.94 -2.68
C GLY A 98 -14.14 10.13 -2.84
N GLY A 99 -15.22 10.64 -2.25
CA GLY A 99 -16.51 9.97 -2.31
C GLY A 99 -17.11 9.98 -3.71
N ILE A 100 -16.98 11.12 -4.38
CA ILE A 100 -17.53 11.29 -5.72
C ILE A 100 -16.63 10.65 -6.79
N GLY A 101 -15.32 10.85 -6.63
CA GLY A 101 -14.36 10.31 -7.57
C GLY A 101 -14.35 8.80 -7.67
N VAL A 102 -14.34 8.14 -6.51
CA VAL A 102 -14.33 6.68 -6.46
C VAL A 102 -15.68 6.12 -6.92
N ALA A 103 -16.76 6.85 -6.65
CA ALA A 103 -18.08 6.43 -7.09
C ALA A 103 -18.15 6.41 -8.62
N LEU A 104 -17.50 7.38 -9.26
CA LEU A 104 -17.48 7.46 -10.71
C LEU A 104 -16.66 6.33 -11.32
N ILE A 105 -15.51 6.04 -10.72
CA ILE A 105 -14.66 4.94 -11.17
C ILE A 105 -15.40 3.60 -11.07
N ALA A 106 -16.03 3.37 -9.92
CA ALA A 106 -16.80 2.15 -9.70
C ALA A 106 -17.95 2.04 -10.71
N LEU A 107 -18.55 3.17 -11.05
CA LEU A 107 -19.64 3.20 -12.02
C LEU A 107 -19.13 2.85 -13.42
N VAL A 108 -17.97 3.40 -13.77
CA VAL A 108 -17.36 3.15 -15.07
C VAL A 108 -16.88 1.70 -15.18
N LEU A 109 -16.22 1.22 -14.14
CA LEU A 109 -15.67 -0.14 -14.13
C LEU A 109 -16.74 -1.21 -14.40
N TYR A 110 -17.94 -1.03 -13.85
CA TYR A 110 -18.99 -2.03 -14.02
C TYR A 110 -19.55 -1.99 -15.45
N LEU A 111 -19.72 -0.80 -15.99
CA LEU A 111 -20.27 -0.66 -17.33
C LEU A 111 -19.35 -1.27 -18.39
N LEU A 112 -18.04 -1.13 -18.17
CA LEU A 112 -17.06 -1.62 -19.11
C LEU A 112 -16.46 -2.95 -18.67
N ARG A 113 -17.25 -3.78 -18.01
CA ARG A 113 -16.74 -5.04 -17.49
C ARG A 113 -16.42 -6.02 -18.63
N GLN A 114 -17.33 -6.12 -19.60
CA GLN A 114 -17.16 -7.03 -20.72
C GLN A 114 -15.87 -6.77 -21.52
N PRO A 115 -15.56 -5.49 -21.81
CA PRO A 115 -14.27 -5.29 -22.48
C PRO A 115 -13.07 -5.53 -21.56
N LEU A 116 -13.19 -5.13 -20.30
CA LEU A 116 -12.10 -5.28 -19.33
C LEU A 116 -11.72 -6.74 -19.12
N LEU A 117 -12.72 -7.62 -19.09
CA LEU A 117 -12.45 -9.04 -18.94
C LEU A 117 -11.98 -9.64 -20.27
N GLY A 118 -12.13 -8.88 -21.35
CA GLY A 118 -11.62 -9.27 -22.65
C GLY A 118 -10.12 -9.10 -22.73
N LEU A 119 -9.64 -7.97 -22.23
CA LEU A 119 -8.20 -7.70 -22.20
C LEU A 119 -7.50 -8.66 -21.23
N LEU A 120 -8.24 -9.12 -20.24
CA LEU A 120 -7.73 -10.10 -19.29
C LEU A 120 -7.92 -11.51 -19.83
N GLY A 121 -8.82 -11.65 -20.80
CA GLY A 121 -9.05 -12.93 -21.44
C GLY A 121 -9.58 -14.00 -20.49
N ALA A 122 -10.81 -13.78 -20.01
CA ALA A 122 -11.41 -14.68 -19.03
C ALA A 122 -12.32 -15.72 -19.70
N PRO A 123 -12.47 -16.89 -19.07
CA PRO A 123 -13.43 -17.90 -19.54
C PRO A 123 -14.84 -17.34 -19.63
N GLU A 124 -15.65 -17.88 -20.54
CA GLU A 124 -17.00 -17.38 -20.77
C GLU A 124 -17.89 -17.50 -19.53
N THR A 125 -17.62 -18.51 -18.70
CA THR A 125 -18.39 -18.73 -17.48
C THR A 125 -18.13 -17.66 -16.42
N VAL A 126 -16.88 -17.19 -16.37
CA VAL A 126 -16.47 -16.18 -15.40
C VAL A 126 -17.25 -14.89 -15.57
N PHE A 127 -17.63 -14.59 -16.81
CA PHE A 127 -18.45 -13.42 -17.11
C PHE A 127 -19.77 -13.41 -16.35
N ALA A 128 -20.39 -14.58 -16.22
CA ALA A 128 -21.70 -14.68 -15.57
C ALA A 128 -21.60 -14.40 -14.07
N ILE A 129 -20.47 -14.78 -13.47
CA ILE A 129 -20.25 -14.55 -12.04
C ILE A 129 -19.98 -13.08 -11.75
N ILE A 130 -19.22 -12.44 -12.64
CA ILE A 130 -18.82 -11.04 -12.47
C ILE A 130 -20.02 -10.10 -12.52
N ASP A 131 -21.02 -10.45 -13.33
CA ASP A 131 -22.22 -9.64 -13.50
C ASP A 131 -22.92 -9.30 -12.18
N HIS A 132 -22.92 -10.25 -11.25
CA HIS A 132 -23.58 -10.01 -9.95
C HIS A 132 -22.60 -9.85 -8.80
N TYR A 133 -21.35 -10.29 -9.00
CA TYR A 133 -20.36 -10.19 -7.93
C TYR A 133 -19.78 -8.78 -7.82
N TRP A 134 -19.55 -8.14 -8.97
CA TRP A 134 -18.93 -6.82 -8.98
C TRP A 134 -19.86 -5.73 -8.48
N LEU A 135 -21.17 -5.96 -8.56
CA LEU A 135 -22.15 -5.05 -7.98
C LEU A 135 -21.89 -4.91 -6.48
N TRP A 136 -21.84 -6.05 -5.79
CA TRP A 136 -21.56 -6.08 -4.37
C TRP A 136 -20.11 -5.69 -4.04
N TRP A 137 -19.19 -6.10 -4.90
CA TRP A 137 -17.77 -5.92 -4.63
C TRP A 137 -17.32 -4.48 -4.77
N LEU A 138 -17.75 -3.82 -5.85
CA LEU A 138 -17.40 -2.42 -6.07
C LEU A 138 -18.03 -1.54 -4.98
N ALA A 139 -19.14 -2.00 -4.43
CA ALA A 139 -19.77 -1.31 -3.31
C ALA A 139 -18.90 -1.46 -2.05
N SER A 140 -18.24 -2.61 -1.94
CA SER A 140 -17.31 -2.84 -0.84
C SER A 140 -16.04 -2.03 -1.06
N ALA A 141 -15.72 -1.79 -2.33
CA ALA A 141 -14.53 -1.02 -2.68
C ALA A 141 -14.71 0.46 -2.34
N TRP A 142 -15.87 1.00 -2.66
CA TRP A 142 -16.19 2.39 -2.34
C TRP A 142 -16.23 2.60 -0.83
N THR A 143 -16.85 1.65 -0.13
CA THR A 143 -16.96 1.71 1.32
C THR A 143 -15.58 1.66 1.98
N GLY A 144 -14.71 0.83 1.41
CA GLY A 144 -13.36 0.67 1.93
C GLY A 144 -12.50 1.89 1.68
N ALA A 145 -12.69 2.52 0.53
CA ALA A 145 -11.94 3.72 0.19
C ALA A 145 -12.33 4.87 1.12
N MET A 146 -13.61 4.98 1.41
CA MET A 146 -14.13 6.02 2.30
C MET A 146 -13.55 5.91 3.70
N LEU A 147 -13.59 4.69 4.24
CA LEU A 147 -13.03 4.41 5.56
C LEU A 147 -11.55 4.75 5.59
N TYR A 148 -10.86 4.41 4.51
CA TYR A 148 -9.43 4.70 4.37
C TYR A 148 -9.16 6.20 4.32
N PHE A 149 -10.10 6.95 3.77
CA PHE A 149 -9.97 8.40 3.67
C PHE A 149 -10.10 9.04 5.05
N TYR A 150 -11.00 8.49 5.86
CA TYR A 150 -11.13 8.93 7.24
C TYR A 150 -9.84 8.62 8.00
N TYR A 151 -9.23 7.48 7.69
CA TYR A 151 -7.95 7.11 8.29
C TYR A 151 -6.88 8.13 7.94
N SER A 152 -6.84 8.54 6.68
CA SER A 152 -5.85 9.51 6.21
C SER A 152 -5.99 10.83 6.94
N VAL A 153 -7.21 11.22 7.26
CA VAL A 153 -7.45 12.45 7.99
C VAL A 153 -6.98 12.30 9.43
N CYS A 154 -7.20 11.12 10.00
CA CYS A 154 -6.73 10.84 11.36
C CYS A 154 -5.21 10.88 11.43
N ARG A 155 -4.54 10.21 10.50
CA ARG A 155 -3.08 10.18 10.48
C ARG A 155 -2.52 11.58 10.27
N ALA A 156 -3.15 12.34 9.38
CA ALA A 156 -2.72 13.71 9.08
C ALA A 156 -2.77 14.61 10.32
N ASN A 157 -3.59 14.24 11.29
CA ASN A 157 -3.69 15.01 12.52
C ASN A 157 -2.87 14.39 13.65
N GLY A 158 -1.98 13.47 13.29
CA GLY A 158 -1.05 12.88 14.24
C GLY A 158 -1.60 11.69 14.98
N ASN A 159 -2.70 11.13 14.48
CA ASN A 159 -3.34 9.99 15.11
C ASN A 159 -3.33 8.75 14.23
N THR A 160 -2.49 7.78 14.57
CA THR A 160 -2.45 6.50 13.86
C THR A 160 -3.03 5.38 14.71
N LEU A 161 -3.25 5.67 15.99
CA LEU A 161 -3.76 4.67 16.91
C LEU A 161 -5.20 4.28 16.56
N LEU A 162 -6.02 5.27 16.26
CA LEU A 162 -7.43 5.02 15.91
C LEU A 162 -7.59 4.27 14.58
N PRO A 163 -6.89 4.70 13.51
CA PRO A 163 -7.02 3.87 12.30
C PRO A 163 -6.41 2.48 12.47
N GLY A 164 -5.35 2.40 13.27
CA GLY A 164 -4.68 1.13 13.52
C GLY A 164 -5.59 0.18 14.29
N THR A 165 -6.30 0.71 15.28
CA THR A 165 -7.22 -0.08 16.08
C THR A 165 -8.39 -0.58 15.23
N LEU A 166 -8.96 0.31 14.42
CA LEU A 166 -10.13 -0.04 13.62
C LEU A 166 -9.81 -1.01 12.48
N MET A 167 -8.56 -1.04 12.04
CA MET A 167 -8.14 -2.01 11.02
C MET A 167 -8.17 -3.42 11.59
N MET A 168 -7.79 -3.56 12.85
CA MET A 168 -7.85 -4.85 13.54
C MET A 168 -9.31 -5.25 13.81
N VAL A 169 -10.14 -4.29 14.21
CA VAL A 169 -11.55 -4.54 14.46
C VAL A 169 -12.27 -4.92 13.17
N THR A 170 -11.95 -4.23 12.09
CA THR A 170 -12.59 -4.45 10.80
C THR A 170 -12.19 -5.79 10.18
N SER A 171 -11.02 -6.30 10.55
CA SER A 171 -10.54 -7.57 10.03
C SER A 171 -11.18 -8.74 10.75
N VAL A 172 -11.28 -8.63 12.09
CA VAL A 172 -11.91 -9.67 12.90
C VAL A 172 -13.38 -9.83 12.53
N LEU A 173 -14.08 -8.71 12.41
CA LEU A 173 -15.48 -8.71 12.01
C LEU A 173 -15.63 -9.31 10.61
N ASN A 174 -14.70 -8.99 9.72
CA ASN A 174 -14.74 -9.50 8.36
C ASN A 174 -14.47 -11.00 8.33
N LEU A 175 -13.62 -11.46 9.25
CA LEU A 175 -13.29 -12.88 9.36
C LEU A 175 -14.49 -13.68 9.83
N ILE A 176 -15.23 -13.13 10.78
CA ILE A 176 -16.38 -13.81 11.37
C ILE A 176 -17.59 -13.82 10.42
N LEU A 177 -17.83 -12.70 9.76
CA LEU A 177 -18.96 -12.59 8.84
C LEU A 177 -18.78 -13.41 7.57
N ASP A 178 -17.53 -13.77 7.27
CA ASP A 178 -17.24 -14.46 6.01
C ASP A 178 -17.89 -15.85 5.91
N PRO A 179 -17.68 -16.73 6.92
CA PRO A 179 -18.34 -18.04 6.74
C PRO A 179 -19.87 -17.97 6.88
N ILE A 180 -20.35 -16.98 7.64
CA ILE A 180 -21.79 -16.83 7.86
C ILE A 180 -22.52 -16.39 6.59
N PHE A 181 -21.95 -15.44 5.87
CA PHE A 181 -22.59 -14.92 4.66
C PHE A 181 -22.31 -15.78 3.43
N ILE A 182 -21.13 -16.41 3.39
CA ILE A 182 -20.78 -17.25 2.25
C ILE A 182 -21.45 -18.62 2.33
N PHE A 183 -21.37 -19.24 3.50
CA PHE A 183 -21.82 -20.63 3.66
C PHE A 183 -23.16 -20.79 4.39
N THR A 184 -23.31 -20.13 5.53
CA THR A 184 -24.54 -20.24 6.31
C THR A 184 -25.74 -19.65 5.57
N PHE A 185 -25.61 -18.42 5.10
CA PHE A 185 -26.66 -17.78 4.33
C PHE A 185 -26.61 -18.22 2.87
N ASP A 186 -25.57 -18.97 2.53
CA ASP A 186 -25.42 -19.57 1.20
C ASP A 186 -25.47 -18.54 0.08
N LEU A 187 -24.65 -17.50 0.19
CA LEU A 187 -24.60 -16.46 -0.84
C LEU A 187 -23.45 -16.72 -1.81
N GLY A 188 -22.53 -17.60 -1.43
CA GLY A 188 -21.39 -17.91 -2.26
C GLY A 188 -20.36 -16.81 -2.25
N ILE A 189 -19.91 -16.41 -3.44
CA ILE A 189 -18.87 -15.41 -3.54
C ILE A 189 -19.40 -14.01 -3.22
N ASP A 190 -20.71 -13.81 -3.41
CA ASP A 190 -21.33 -12.53 -3.08
C ASP A 190 -21.20 -12.24 -1.60
N GLY A 191 -21.33 -13.26 -0.77
CA GLY A 191 -21.22 -13.11 0.67
C GLY A 191 -19.87 -12.59 1.13
N ALA A 192 -18.85 -12.77 0.30
CA ALA A 192 -17.52 -12.25 0.60
C ALA A 192 -17.51 -10.73 0.53
N ALA A 193 -18.16 -10.18 -0.49
CA ALA A 193 -18.25 -8.73 -0.66
C ALA A 193 -19.19 -8.12 0.37
N ILE A 194 -20.30 -8.82 0.63
CA ILE A 194 -21.29 -8.35 1.60
C ILE A 194 -20.71 -8.29 3.01
N ALA A 195 -19.88 -9.26 3.34
CA ALA A 195 -19.22 -9.28 4.65
C ALA A 195 -18.24 -8.11 4.79
N THR A 196 -17.74 -7.63 3.65
CA THR A 196 -16.78 -6.54 3.64
C THR A 196 -17.46 -5.18 3.80
N ILE A 197 -18.59 -4.99 3.11
CA ILE A 197 -19.36 -3.75 3.22
C ILE A 197 -19.78 -3.48 4.65
N ILE A 198 -20.25 -4.53 5.32
CA ILE A 198 -20.70 -4.41 6.70
C ILE A 198 -19.53 -4.16 7.65
N ALA A 199 -18.43 -4.88 7.45
CA ALA A 199 -17.25 -4.73 8.29
C ALA A 199 -16.63 -3.34 8.16
N PHE A 200 -16.59 -2.83 6.92
CA PHE A 200 -16.06 -1.50 6.66
C PHE A 200 -17.06 -0.41 7.04
N GLY A 201 -18.34 -0.71 6.85
CA GLY A 201 -19.40 0.23 7.21
C GLY A 201 -19.43 0.49 8.70
N VAL A 202 -19.24 -0.56 9.49
CA VAL A 202 -19.16 -0.44 10.94
C VAL A 202 -17.93 0.38 11.33
N GLY A 203 -16.84 0.19 10.59
CA GLY A 203 -15.65 0.99 10.77
C GLY A 203 -15.91 2.45 10.51
N ILE A 204 -16.66 2.74 9.45
CA ILE A 204 -17.05 4.10 9.12
C ILE A 204 -17.95 4.68 10.21
N ALA A 205 -18.86 3.85 10.73
CA ALA A 205 -19.78 4.27 11.78
C ALA A 205 -19.05 4.68 13.06
N ILE A 206 -17.84 4.17 13.26
CA ILE A 206 -17.07 4.49 14.45
C ILE A 206 -16.16 5.72 14.26
N VAL A 207 -15.42 5.74 13.16
CA VAL A 207 -14.41 6.77 12.96
C VAL A 207 -15.00 8.14 12.62
N ALA A 208 -16.08 8.15 11.82
CA ALA A 208 -16.65 9.40 11.34
C ALA A 208 -17.17 10.31 12.45
N PRO A 209 -17.88 9.75 13.46
CA PRO A 209 -18.25 10.64 14.56
C PRO A 209 -17.04 11.15 15.33
N LYS A 210 -16.03 10.31 15.52
CA LYS A 210 -14.83 10.69 16.23
C LYS A 210 -14.07 11.81 15.51
N VAL A 211 -13.97 11.70 14.20
CA VAL A 211 -13.29 12.71 13.39
C VAL A 211 -14.03 14.04 13.46
N ALA A 212 -15.35 13.99 13.39
CA ALA A 212 -16.17 15.20 13.50
C ALA A 212 -16.10 15.77 14.92
N GLN A 213 -15.94 14.90 15.91
CA GLN A 213 -15.87 15.31 17.31
C GLN A 213 -14.63 16.16 17.60
N ARG A 214 -13.54 15.89 16.89
CA ARG A 214 -12.30 16.63 17.08
C ARG A 214 -12.20 17.78 16.08
N GLN A 215 -13.30 18.00 15.35
CA GLN A 215 -13.36 19.03 14.31
C GLN A 215 -12.20 18.92 13.32
N TRP A 216 -11.96 17.71 12.82
CA TRP A 216 -10.93 17.47 11.80
C TRP A 216 -11.53 17.56 10.41
N THR A 217 -12.86 17.54 10.35
CA THR A 217 -13.59 17.74 9.10
C THR A 217 -14.55 18.91 9.24
N SER A 218 -14.63 19.74 8.21
CA SER A 218 -15.53 20.88 8.20
C SER A 218 -16.16 21.04 6.82
N TYR A 219 -17.41 21.45 6.79
CA TYR A 219 -18.09 21.68 5.52
C TYR A 219 -18.53 23.13 5.44
N GLN A 220 -17.98 23.95 6.33
CA GLN A 220 -18.15 25.40 6.26
C GLN A 220 -17.03 25.98 5.39
N TRP A 221 -17.26 25.98 4.08
CA TRP A 221 -16.24 26.39 3.12
C TRP A 221 -16.43 27.83 2.65
N GLN A 222 -16.93 28.68 3.55
CA GLN A 222 -17.26 30.05 3.18
C GLN A 222 -16.03 30.89 2.84
N ASP A 223 -14.91 30.62 3.51
CA ASP A 223 -13.67 31.35 3.27
C ASP A 223 -12.58 30.42 2.73
N LEU A 224 -12.96 29.50 1.85
CA LEU A 224 -12.03 28.52 1.30
C LEU A 224 -11.81 28.71 -0.19
N ASN A 225 -10.54 28.78 -0.60
CA ASN A 225 -10.21 28.85 -2.01
C ASN A 225 -10.16 27.45 -2.62
N ILE A 226 -11.29 27.01 -3.18
CA ILE A 226 -11.44 25.65 -3.70
C ILE A 226 -10.41 25.30 -4.76
N SER A 227 -10.21 26.23 -5.70
CA SER A 227 -9.30 25.98 -6.82
C SER A 227 -7.85 25.84 -6.38
N GLN A 228 -7.43 26.70 -5.45
CA GLN A 228 -6.07 26.62 -4.91
C GLN A 228 -5.89 25.39 -4.03
N SER A 229 -6.96 24.99 -3.34
CA SER A 229 -6.90 23.83 -2.45
C SER A 229 -6.86 22.53 -3.25
N LEU A 230 -7.60 22.49 -4.36
CA LEU A 230 -7.57 21.33 -5.24
C LEU A 230 -6.24 21.25 -5.98
N THR A 231 -5.61 22.40 -6.19
CA THR A 231 -4.31 22.46 -6.83
C THR A 231 -3.24 21.89 -5.90
N ALA A 232 -3.32 22.25 -4.62
CA ALA A 232 -2.39 21.78 -3.61
C ALA A 232 -2.49 20.27 -3.44
N LEU A 233 -3.71 19.75 -3.42
CA LEU A 233 -3.94 18.31 -3.31
C LEU A 233 -3.50 17.60 -4.59
N GLY A 234 -3.97 18.11 -5.72
CA GLY A 234 -3.69 17.50 -7.01
C GLY A 234 -2.22 17.49 -7.39
N HIS A 235 -1.47 18.45 -6.85
CA HIS A 235 -0.03 18.54 -7.10
C HIS A 235 0.70 17.31 -6.57
N ILE A 236 0.23 16.79 -5.44
CA ILE A 236 0.79 15.59 -4.84
C ILE A 236 0.03 14.35 -5.31
N MET A 237 -1.29 14.47 -5.39
CA MET A 237 -2.15 13.36 -5.78
C MET A 237 -1.86 12.87 -7.19
N GLY A 238 -1.57 13.80 -8.09
CA GLY A 238 -1.28 13.48 -9.47
C GLY A 238 -0.19 12.45 -9.66
N PRO A 239 1.05 12.82 -9.31
CA PRO A 239 2.20 11.91 -9.42
C PRO A 239 2.12 10.71 -8.49
N ALA A 240 1.48 10.86 -7.34
CA ALA A 240 1.38 9.78 -6.35
C ALA A 240 0.63 8.57 -6.91
N MET A 241 -0.42 8.82 -7.68
CA MET A 241 -1.20 7.75 -8.29
C MET A 241 -0.36 7.00 -9.32
N LEU A 242 0.39 7.74 -10.13
CA LEU A 242 1.29 7.16 -11.11
C LEU A 242 2.35 6.31 -10.44
N SER A 243 2.80 6.74 -9.26
CA SER A 243 3.77 5.97 -8.50
C SER A 243 3.19 4.62 -8.08
N GLN A 244 1.87 4.57 -7.87
CA GLN A 244 1.20 3.35 -7.46
C GLN A 244 1.00 2.37 -8.62
N LEU A 245 0.99 2.91 -9.84
CA LEU A 245 0.76 2.13 -11.06
C LEU A 245 1.99 1.32 -11.46
N LEU A 246 3.08 1.50 -10.73
CA LEU A 246 4.34 0.90 -11.11
C LEU A 246 4.69 -0.41 -10.35
N PRO A 247 4.50 -0.45 -9.01
CA PRO A 247 4.79 -1.72 -8.31
C PRO A 247 3.99 -2.95 -8.78
N PRO A 248 2.75 -2.80 -9.27
CA PRO A 248 2.16 -4.02 -9.80
C PRO A 248 2.86 -4.45 -11.09
N LEU A 249 3.34 -3.47 -11.85
CA LEU A 249 4.06 -3.72 -13.09
C LEU A 249 5.41 -4.39 -12.86
N SER A 250 5.90 -4.30 -11.62
CA SER A 250 7.14 -4.97 -11.24
C SER A 250 6.92 -6.47 -11.19
N SER A 251 5.77 -6.88 -10.66
CA SER A 251 5.43 -8.29 -10.53
C SER A 251 4.68 -8.78 -11.76
N MET A 252 4.02 -7.86 -12.46
CA MET A 252 3.28 -8.17 -13.69
C MET A 252 4.24 -8.58 -14.80
N PHE A 253 5.15 -7.67 -15.18
CA PHE A 253 6.13 -7.95 -16.22
C PHE A 253 7.04 -9.11 -15.85
N ALA A 254 7.17 -9.38 -14.55
CA ALA A 254 8.00 -10.48 -14.07
C ALA A 254 7.37 -11.83 -14.35
N THR A 255 6.04 -11.86 -14.48
CA THR A 255 5.32 -13.11 -14.71
C THR A 255 5.22 -13.40 -16.21
N LYS A 256 5.55 -12.42 -17.04
CA LYS A 256 5.67 -12.64 -18.47
C LYS A 256 6.99 -13.34 -18.75
N LEU A 257 8.01 -12.97 -17.99
CA LEU A 257 9.31 -13.63 -18.04
C LEU A 257 9.24 -15.02 -17.44
N LEU A 258 8.49 -15.14 -16.35
CA LEU A 258 8.39 -16.38 -15.57
C LEU A 258 7.83 -17.56 -16.34
N ALA A 259 6.81 -17.30 -17.16
CA ALA A 259 6.12 -18.36 -17.88
C ALA A 259 7.06 -19.20 -18.75
N SER A 260 8.19 -18.62 -19.12
CA SER A 260 9.17 -19.32 -19.94
C SER A 260 9.83 -20.48 -19.17
N PHE A 261 9.80 -20.41 -17.85
CA PHE A 261 10.46 -21.42 -17.02
C PHE A 261 9.48 -22.41 -16.40
N GLY A 262 8.24 -22.40 -16.86
CA GLY A 262 7.26 -23.38 -16.42
C GLY A 262 6.23 -22.85 -15.44
N THR A 263 5.28 -23.71 -15.08
CA THR A 263 4.18 -23.33 -14.21
C THR A 263 4.58 -23.36 -12.73
N ALA A 264 5.72 -23.99 -12.44
CA ALA A 264 6.18 -24.11 -11.06
C ALA A 264 6.97 -22.88 -10.66
N ALA A 265 7.69 -22.28 -11.62
CA ALA A 265 8.46 -21.07 -11.36
C ALA A 265 7.54 -19.89 -11.08
N VAL A 266 6.38 -19.89 -11.74
CA VAL A 266 5.38 -18.84 -11.55
C VAL A 266 4.72 -18.95 -10.17
N ALA A 267 4.36 -20.18 -9.80
CA ALA A 267 3.72 -20.45 -8.52
C ALA A 267 4.63 -20.10 -7.35
N ALA A 268 5.93 -20.34 -7.52
CA ALA A 268 6.90 -20.03 -6.48
C ALA A 268 7.05 -18.53 -6.28
N TRP A 269 6.98 -17.79 -7.39
CA TRP A 269 7.14 -16.34 -7.36
C TRP A 269 5.93 -15.66 -6.72
N ALA A 270 4.75 -16.24 -6.94
CA ALA A 270 3.54 -15.78 -6.29
C ALA A 270 3.66 -15.95 -4.78
N LEU A 271 4.27 -17.06 -4.36
CA LEU A 271 4.51 -17.31 -2.95
C LEU A 271 5.64 -16.44 -2.41
N GLY A 272 6.74 -16.37 -3.17
CA GLY A 272 7.90 -15.59 -2.79
C GLY A 272 7.61 -14.11 -2.61
N SER A 273 6.90 -13.53 -3.57
CA SER A 273 6.52 -12.13 -3.50
C SER A 273 5.50 -11.89 -2.38
N ARG A 274 4.70 -12.91 -2.07
CA ARG A 274 3.75 -12.83 -0.97
C ARG A 274 4.49 -12.75 0.36
N PHE A 275 5.61 -13.46 0.45
CA PHE A 275 6.46 -13.42 1.64
C PHE A 275 7.06 -12.03 1.83
N GLU A 276 7.43 -11.39 0.72
CA GLU A 276 8.03 -10.06 0.74
C GLU A 276 7.14 -9.04 1.44
N PHE A 277 5.85 -9.05 1.12
CA PHE A 277 4.91 -8.12 1.71
C PHE A 277 4.85 -8.26 3.23
N PHE A 278 4.93 -9.50 3.69
CA PHE A 278 4.97 -9.78 5.12
C PHE A 278 6.33 -9.46 5.72
N ALA A 279 7.37 -9.56 4.91
CA ALA A 279 8.72 -9.27 5.39
C ALA A 279 8.99 -7.78 5.37
N LEU A 280 8.07 -7.02 4.78
CA LEU A 280 8.23 -5.57 4.67
C LEU A 280 7.10 -4.80 5.36
N VAL A 281 6.33 -5.49 6.22
CA VAL A 281 5.21 -4.84 6.90
C VAL A 281 5.66 -3.68 7.79
N ALA A 282 6.86 -3.78 8.32
CA ALA A 282 7.39 -2.74 9.20
C ALA A 282 7.62 -1.45 8.43
N VAL A 283 8.12 -1.58 7.21
CA VAL A 283 8.37 -0.43 6.35
C VAL A 283 7.05 0.11 5.81
N LEU A 284 6.15 -0.80 5.46
CA LEU A 284 4.81 -0.44 5.00
C LEU A 284 4.06 0.37 6.04
N ALA A 285 4.17 -0.05 7.30
CA ALA A 285 3.53 0.64 8.41
C ALA A 285 4.19 2.00 8.64
N MET A 286 5.50 2.06 8.40
CA MET A 286 6.26 3.28 8.57
C MET A 286 5.99 4.25 7.43
N THR A 287 5.59 3.71 6.29
CA THR A 287 5.18 4.52 5.14
C THR A 287 3.89 5.29 5.45
N MET A 288 3.16 4.83 6.46
CA MET A 288 1.90 5.47 6.84
C MET A 288 2.02 6.32 8.10
N SER A 289 3.08 6.12 8.87
CA SER A 289 3.25 6.85 10.12
C SER A 289 4.30 7.95 10.04
N LEU A 290 5.24 7.83 9.11
CA LEU A 290 6.32 8.82 8.96
C LEU A 290 5.90 10.10 8.21
N PRO A 291 5.15 9.99 7.09
CA PRO A 291 4.71 11.22 6.41
C PRO A 291 3.94 12.25 7.25
N PRO A 292 3.03 11.81 8.15
CA PRO A 292 2.35 12.87 8.93
C PRO A 292 3.29 13.63 9.86
N MET A 293 4.26 12.93 10.45
CA MET A 293 5.23 13.56 11.33
C MET A 293 6.11 14.54 10.54
N ILE A 294 6.61 14.09 9.40
CA ILE A 294 7.44 14.92 8.53
C ILE A 294 6.68 16.15 8.05
N GLY A 295 5.48 15.93 7.52
CA GLY A 295 4.66 17.01 7.01
C GLY A 295 4.35 18.07 8.04
N ARG A 296 4.08 17.64 9.27
CA ARG A 296 3.77 18.58 10.34
C ARG A 296 5.00 19.38 10.75
N MET A 297 6.16 18.72 10.74
CA MET A 297 7.39 19.40 11.14
C MET A 297 7.84 20.39 10.08
N LEU A 298 7.52 20.10 8.82
CA LEU A 298 7.85 21.00 7.72
C LEU A 298 7.09 22.32 7.84
N GLY A 299 5.84 22.24 8.25
CA GLY A 299 5.03 23.43 8.43
C GLY A 299 5.46 24.23 9.65
N ALA A 300 5.94 23.52 10.67
CA ALA A 300 6.39 24.15 11.91
C ALA A 300 7.86 24.55 11.84
N LYS A 301 8.45 24.43 10.65
CA LYS A 301 9.84 24.81 10.41
C LYS A 301 10.83 24.06 11.30
N GLU A 302 10.45 22.87 11.76
CA GLU A 302 11.33 22.05 12.57
C GLU A 302 12.19 21.18 11.64
N ILE A 303 13.06 21.83 10.87
CA ILE A 303 13.83 21.19 9.80
C ILE A 303 14.91 20.24 10.33
N THR A 304 15.48 20.59 11.47
CA THR A 304 16.50 19.75 12.10
C THR A 304 15.93 18.40 12.50
N HIS A 305 14.70 18.42 13.02
CA HIS A 305 14.06 17.18 13.47
C HIS A 305 13.62 16.29 12.31
N ILE A 306 13.38 16.90 11.15
CA ILE A 306 13.03 16.13 9.96
C ILE A 306 14.21 15.25 9.56
N ARG A 307 15.38 15.87 9.44
CA ARG A 307 16.60 15.15 9.07
C ARG A 307 16.93 14.05 10.09
N GLN A 308 16.76 14.37 11.37
CA GLN A 308 17.01 13.42 12.43
C GLN A 308 16.04 12.23 12.38
N LEU A 309 14.77 12.51 12.15
CA LEU A 309 13.75 11.47 12.13
C LEU A 309 13.95 10.51 10.97
N VAL A 310 14.20 11.06 9.78
CA VAL A 310 14.39 10.27 8.57
C VAL A 310 15.58 9.33 8.71
N ARG A 311 16.64 9.82 9.35
CA ARG A 311 17.84 9.00 9.59
C ARG A 311 17.59 7.92 10.65
N ILE A 312 16.80 8.25 11.65
CA ILE A 312 16.39 7.26 12.65
C ILE A 312 15.57 6.15 11.99
N ALA A 313 14.63 6.56 11.15
CA ALA A 313 13.77 5.61 10.45
C ALA A 313 14.57 4.78 9.46
N CYS A 314 15.57 5.39 8.84
CA CYS A 314 16.42 4.67 7.88
C CYS A 314 17.28 3.62 8.59
N GLN A 315 17.83 3.97 9.75
CA GLN A 315 18.66 3.04 10.50
C GLN A 315 17.85 1.84 10.96
N PHE A 316 16.62 2.08 11.38
CA PHE A 316 15.74 0.99 11.77
C PHE A 316 15.51 0.04 10.60
N VAL A 317 14.99 0.56 9.49
CA VAL A 317 14.68 -0.25 8.31
C VAL A 317 15.86 -1.10 7.86
N LEU A 318 17.04 -0.49 7.74
CA LEU A 318 18.23 -1.23 7.32
C LEU A 318 18.59 -2.36 8.27
N GLY A 319 18.58 -2.07 9.57
CA GLY A 319 18.94 -3.06 10.57
C GLY A 319 17.87 -4.11 10.79
N PHE A 320 16.62 -3.69 10.77
CA PHE A 320 15.50 -4.58 11.05
C PHE A 320 15.27 -5.59 9.91
N GLN A 321 15.50 -5.16 8.68
CA GLN A 321 15.33 -6.06 7.54
C GLN A 321 16.52 -7.00 7.40
N LEU A 322 17.65 -6.62 8.01
CA LEU A 322 18.83 -7.48 8.04
C LEU A 322 18.55 -8.71 8.90
N LEU A 323 17.80 -8.51 9.96
CA LEU A 323 17.43 -9.61 10.86
C LEU A 323 16.48 -10.58 10.19
N ILE A 324 15.45 -10.04 9.52
CA ILE A 324 14.48 -10.86 8.80
C ILE A 324 15.18 -11.68 7.72
N ALA A 325 16.13 -11.05 7.03
CA ALA A 325 16.93 -11.73 6.02
C ALA A 325 17.71 -12.89 6.64
N LEU A 326 18.29 -12.65 7.81
CA LEU A 326 19.07 -13.67 8.52
C LEU A 326 18.19 -14.84 8.98
N VAL A 327 17.03 -14.52 9.52
CA VAL A 327 16.09 -15.55 10.00
C VAL A 327 15.55 -16.38 8.85
N THR A 328 15.15 -15.70 7.78
CA THR A 328 14.66 -16.38 6.58
C THR A 328 15.76 -17.23 5.96
N TYR A 329 17.01 -16.79 6.10
CA TYR A 329 18.16 -17.48 5.52
C TYR A 329 18.41 -18.84 6.15
N VAL A 330 18.37 -18.90 7.47
CA VAL A 330 18.66 -20.13 8.20
C VAL A 330 17.48 -21.09 8.19
N PHE A 331 16.28 -20.54 8.01
CA PHE A 331 15.06 -21.33 8.05
C PHE A 331 14.36 -21.36 6.70
N ALA A 332 15.12 -21.14 5.64
CA ALA A 332 14.56 -21.10 4.29
C ALA A 332 13.95 -22.43 3.86
N THR A 333 14.66 -23.53 4.13
CA THR A 333 14.21 -24.83 3.65
C THR A 333 12.90 -25.29 4.31
N PRO A 334 12.79 -25.24 5.65
CA PRO A 334 11.49 -25.68 6.19
C PRO A 334 10.37 -24.68 5.90
N LEU A 335 10.73 -23.42 5.70
CA LEU A 335 9.73 -22.39 5.41
C LEU A 335 9.12 -22.61 4.04
N ALA A 336 9.96 -22.88 3.05
CA ALA A 336 9.51 -23.12 1.68
C ALA A 336 8.67 -24.39 1.62
N GLU A 337 9.05 -25.39 2.40
CA GLU A 337 8.30 -26.65 2.42
C GLU A 337 7.00 -26.51 3.20
N LEU A 338 6.94 -25.51 4.07
CA LEU A 338 5.71 -25.22 4.81
C LEU A 338 4.72 -24.41 3.97
N MET A 339 5.25 -23.58 3.07
CA MET A 339 4.40 -22.73 2.24
C MET A 339 3.75 -23.51 1.11
N THR A 340 4.35 -24.63 0.73
CA THR A 340 3.82 -25.45 -0.36
C THR A 340 4.28 -26.90 -0.26
N SER A 341 3.41 -27.81 -0.66
CA SER A 341 3.70 -29.24 -0.62
C SER A 341 4.11 -29.77 -1.98
N GLU A 342 4.18 -28.87 -2.96
CA GLU A 342 4.67 -29.21 -4.30
C GLU A 342 6.18 -29.09 -4.33
N THR A 343 6.87 -30.23 -4.41
CA THR A 343 8.34 -30.27 -4.27
C THR A 343 9.06 -29.39 -5.27
N GLU A 344 8.58 -29.36 -6.51
CA GLU A 344 9.21 -28.56 -7.56
C GLU A 344 9.08 -27.07 -7.27
N VAL A 345 7.97 -26.68 -6.64
CA VAL A 345 7.73 -25.28 -6.31
C VAL A 345 8.53 -24.88 -5.06
N SER A 346 8.67 -25.82 -4.13
CA SER A 346 9.39 -25.56 -2.89
C SER A 346 10.86 -25.26 -3.14
N GLN A 347 11.45 -25.96 -4.10
CA GLN A 347 12.89 -25.85 -4.36
C GLN A 347 13.26 -24.50 -4.98
N ILE A 348 12.38 -24.00 -5.85
CA ILE A 348 12.57 -22.68 -6.45
C ILE A 348 12.34 -21.59 -5.41
N LEU A 349 11.27 -21.74 -4.64
CA LEU A 349 10.96 -20.83 -3.55
C LEU A 349 12.09 -20.81 -2.52
N ASN A 350 12.74 -21.96 -2.31
CA ASN A 350 13.87 -22.06 -1.40
C ASN A 350 15.01 -21.14 -1.81
N LEU A 351 15.19 -21.02 -3.13
CA LEU A 351 16.26 -20.20 -3.69
C LEU A 351 15.91 -18.72 -3.56
N HIS A 352 14.63 -18.41 -3.68
CA HIS A 352 14.15 -17.04 -3.58
C HIS A 352 14.35 -16.48 -2.16
N LEU A 353 14.26 -17.36 -1.17
CA LEU A 353 14.30 -16.93 0.23
C LEU A 353 15.71 -16.72 0.77
N VAL A 354 16.72 -17.14 0.00
CA VAL A 354 18.11 -16.97 0.41
C VAL A 354 18.84 -15.93 -0.43
N ILE A 355 18.16 -15.43 -1.45
CA ILE A 355 18.75 -14.45 -2.36
C ILE A 355 18.11 -13.07 -2.21
N VAL A 356 16.79 -13.01 -2.37
CA VAL A 356 16.07 -11.74 -2.36
C VAL A 356 15.97 -10.99 -1.01
N PRO A 357 15.59 -11.69 0.09
CA PRO A 357 15.28 -10.97 1.33
C PRO A 357 16.38 -10.02 1.84
N ILE A 358 17.64 -10.33 1.54
CA ILE A 358 18.75 -9.49 1.98
C ILE A 358 18.73 -8.13 1.28
N SER A 359 17.95 -8.02 0.21
CA SER A 359 17.85 -6.76 -0.54
C SER A 359 16.66 -5.92 -0.09
N LEU A 360 15.84 -6.46 0.81
CA LEU A 360 14.60 -5.80 1.21
C LEU A 360 14.83 -4.57 2.07
N GLY A 361 15.98 -4.51 2.73
CA GLY A 361 16.34 -3.33 3.49
C GLY A 361 16.60 -2.15 2.58
N ALA A 362 17.22 -2.43 1.44
CA ALA A 362 17.49 -1.41 0.43
C ALA A 362 16.19 -0.98 -0.25
N LEU A 363 15.30 -1.93 -0.51
CA LEU A 363 14.02 -1.63 -1.13
C LEU A 363 13.13 -0.84 -0.18
N GLY A 364 13.28 -1.10 1.12
CA GLY A 364 12.53 -0.39 2.13
C GLY A 364 12.93 1.07 2.22
N ILE A 365 14.22 1.32 2.06
CA ILE A 365 14.73 2.68 2.01
C ILE A 365 14.11 3.40 0.81
N CYS A 366 14.07 2.72 -0.32
CA CYS A 366 13.45 3.26 -1.53
C CYS A 366 11.98 3.61 -1.29
N MET A 367 11.29 2.74 -0.57
CA MET A 367 9.89 2.99 -0.22
C MET A 367 9.77 4.18 0.72
N LEU A 368 10.69 4.25 1.67
CA LEU A 368 10.66 5.29 2.69
C LEU A 368 10.92 6.67 2.09
N MET A 369 11.86 6.74 1.15
CA MET A 369 12.20 8.00 0.51
C MET A 369 11.07 8.52 -0.36
N VAL A 370 10.33 7.62 -1.00
CA VAL A 370 9.19 8.00 -1.82
C VAL A 370 8.09 8.63 -0.96
N SER A 371 7.86 8.04 0.21
CA SER A 371 6.86 8.56 1.14
C SER A 371 7.33 9.85 1.79
N VAL A 372 8.62 9.94 2.07
CA VAL A 372 9.20 11.14 2.67
C VAL A 372 9.19 12.29 1.68
N ALA A 373 9.55 12.01 0.43
CA ALA A 373 9.58 13.01 -0.62
C ALA A 373 8.18 13.62 -0.84
N ASN A 374 7.16 12.76 -0.80
CA ASN A 374 5.78 13.21 -0.91
C ASN A 374 5.36 14.10 0.25
N ALA A 375 5.85 13.78 1.45
CA ALA A 375 5.50 14.53 2.65
C ALA A 375 6.09 15.93 2.63
N LEU A 376 7.14 16.12 1.84
CA LEU A 376 7.78 17.42 1.71
C LEU A 376 7.20 18.21 0.54
N GLY A 377 6.24 17.61 -0.16
CA GLY A 377 5.63 18.25 -1.30
C GLY A 377 6.39 17.98 -2.58
N LYS A 378 7.44 17.15 -2.48
CA LYS A 378 8.25 16.80 -3.63
C LYS A 378 7.67 15.57 -4.34
N SER A 379 6.47 15.71 -4.89
CA SER A 379 5.76 14.59 -5.52
C SER A 379 6.41 14.15 -6.83
N TYR A 380 7.15 15.05 -7.46
CA TYR A 380 7.83 14.74 -8.72
C TYR A 380 9.18 14.08 -8.44
N VAL A 381 9.82 14.47 -7.34
CA VAL A 381 11.01 13.79 -6.89
C VAL A 381 10.66 12.38 -6.46
N ALA A 382 9.48 12.23 -5.88
CA ALA A 382 9.00 10.93 -5.43
C ALA A 382 8.70 10.02 -6.61
N LEU A 383 8.07 10.58 -7.64
CA LEU A 383 7.69 9.82 -8.83
C LEU A 383 8.93 9.32 -9.59
N THR A 384 9.97 10.15 -9.62
CA THR A 384 11.21 9.80 -10.30
C THR A 384 11.86 8.59 -9.66
N ILE A 385 11.95 8.62 -8.33
CA ILE A 385 12.52 7.50 -7.58
C ILE A 385 11.77 6.21 -7.85
N SER A 386 10.44 6.30 -7.90
CA SER A 386 9.62 5.14 -8.22
C SER A 386 9.85 4.65 -9.65
N ALA A 387 9.87 5.58 -10.60
CA ALA A 387 10.06 5.22 -12.00
C ALA A 387 11.48 4.71 -12.27
N LEU A 388 12.46 5.31 -11.60
CA LEU A 388 13.85 4.88 -11.71
C LEU A 388 14.03 3.46 -11.18
N ARG A 389 13.39 3.19 -10.04
CA ARG A 389 13.47 1.87 -9.42
C ARG A 389 12.97 0.78 -10.36
N LEU A 390 11.90 1.09 -11.10
CA LEU A 390 11.21 0.11 -11.91
C LEU A 390 11.87 -0.13 -13.28
N PHE A 391 12.03 0.95 -14.04
CA PHE A 391 12.43 0.83 -15.44
C PHE A 391 13.94 0.92 -15.67
N ALA A 392 14.65 1.54 -14.73
CA ALA A 392 16.10 1.73 -14.89
C ALA A 392 16.90 0.64 -14.20
N PHE A 393 16.33 0.05 -13.16
CA PHE A 393 17.06 -0.90 -12.32
C PHE A 393 16.40 -2.28 -12.27
N TYR A 394 15.20 -2.34 -11.70
CA TYR A 394 14.55 -3.63 -11.41
C TYR A 394 14.31 -4.49 -12.65
N LEU A 395 13.48 -4.00 -13.57
CA LEU A 395 13.18 -4.74 -14.79
C LEU A 395 14.43 -5.07 -15.64
N PRO A 396 15.37 -4.12 -15.82
CA PRO A 396 16.58 -4.51 -16.55
C PRO A 396 17.39 -5.61 -15.89
N CYS A 397 17.47 -5.59 -14.56
CA CYS A 397 18.26 -6.59 -13.84
C CYS A 397 17.59 -7.95 -13.81
N LEU A 398 16.26 -7.97 -13.72
CA LEU A 398 15.51 -9.22 -13.79
C LEU A 398 15.73 -9.91 -15.14
N TRP A 399 15.63 -9.12 -16.20
CA TRP A 399 15.68 -9.66 -17.55
C TRP A 399 17.07 -10.20 -17.90
N LEU A 400 18.11 -9.45 -17.53
CA LEU A 400 19.49 -9.87 -17.79
C LEU A 400 19.81 -11.20 -17.12
N GLY A 401 19.38 -11.37 -15.88
CA GLY A 401 19.61 -12.60 -15.15
C GLY A 401 18.81 -13.75 -15.72
N ALA A 402 17.57 -13.47 -16.10
CA ALA A 402 16.68 -14.48 -16.66
C ALA A 402 17.15 -14.95 -18.04
N HIS A 403 17.74 -14.03 -18.81
CA HIS A 403 18.18 -14.33 -20.16
C HIS A 403 19.44 -15.20 -20.19
N PHE A 404 20.35 -14.96 -19.25
CA PHE A 404 21.64 -15.63 -19.26
C PHE A 404 21.78 -16.75 -18.23
N TYR A 405 20.95 -16.72 -17.18
CA TYR A 405 21.14 -17.66 -16.08
C TYR A 405 19.85 -18.31 -15.57
N GLY A 406 18.71 -17.97 -16.17
CA GLY A 406 17.46 -18.62 -15.83
C GLY A 406 16.84 -18.15 -14.54
N ILE A 407 16.19 -19.07 -13.81
CA ILE A 407 15.46 -18.74 -12.59
C ILE A 407 16.37 -18.21 -11.49
N GLU A 408 17.57 -18.78 -11.37
CA GLU A 408 18.51 -18.34 -10.35
C GLU A 408 19.04 -16.95 -10.65
N GLY A 409 19.31 -16.69 -11.94
CA GLY A 409 19.80 -15.38 -12.36
C GLY A 409 18.75 -14.30 -12.19
N LEU A 410 17.50 -14.69 -12.30
CA LEU A 410 16.37 -13.77 -12.13
C LEU A 410 16.29 -13.29 -10.68
N PHE A 411 16.53 -14.22 -9.75
CA PHE A 411 16.52 -13.87 -8.34
C PHE A 411 17.70 -12.97 -7.98
N ILE A 412 18.87 -13.29 -8.53
CA ILE A 412 20.07 -12.48 -8.33
C ILE A 412 19.83 -11.07 -8.88
N GLY A 413 19.17 -10.99 -10.03
CA GLY A 413 18.81 -9.72 -10.63
C GLY A 413 17.92 -8.88 -9.71
N ALA A 414 16.97 -9.53 -9.06
CA ALA A 414 16.08 -8.85 -8.12
C ALA A 414 16.88 -8.28 -6.95
N LEU A 415 17.93 -9.01 -6.56
CA LEU A 415 18.79 -8.61 -5.47
C LEU A 415 19.55 -7.33 -5.78
N VAL A 416 20.31 -7.33 -6.88
CA VAL A 416 21.14 -6.18 -7.23
C VAL A 416 20.28 -5.02 -7.71
N GLY A 417 19.05 -5.31 -8.10
CA GLY A 417 18.14 -4.28 -8.56
C GLY A 417 17.61 -3.46 -7.41
N ASN A 418 17.41 -4.12 -6.27
CA ASN A 418 16.90 -3.45 -5.07
C ASN A 418 17.98 -2.66 -4.35
N ILE A 419 19.20 -3.19 -4.35
CA ILE A 419 20.34 -2.53 -3.70
C ILE A 419 20.63 -1.19 -4.38
N ILE A 420 20.68 -1.19 -5.71
CA ILE A 420 20.92 0.02 -6.48
C ILE A 420 19.79 1.04 -6.30
N ALA A 421 18.56 0.54 -6.32
CA ALA A 421 17.37 1.39 -6.17
C ALA A 421 17.38 2.15 -4.84
N GLY A 422 17.66 1.43 -3.75
CA GLY A 422 17.72 2.03 -2.43
C GLY A 422 18.83 3.05 -2.28
N TRP A 423 19.99 2.74 -2.85
CA TRP A 423 21.13 3.66 -2.81
C TRP A 423 20.87 4.87 -3.69
N ALA A 424 20.14 4.66 -4.78
CA ALA A 424 19.78 5.76 -5.66
C ALA A 424 18.69 6.62 -5.03
N ALA A 425 17.81 5.98 -4.27
CA ALA A 425 16.72 6.68 -3.60
C ALA A 425 17.26 7.60 -2.51
N TRP A 426 18.30 7.15 -1.83
CA TRP A 426 18.94 7.94 -0.78
C TRP A 426 19.61 9.18 -1.36
N LEU A 427 20.24 9.01 -2.53
CA LEU A 427 20.95 10.12 -3.17
C LEU A 427 19.98 11.17 -3.70
N ALA A 428 18.85 10.72 -4.22
CA ALA A 428 17.81 11.61 -4.69
C ALA A 428 17.26 12.46 -3.53
N TYR A 429 17.13 11.82 -2.37
CA TYR A 429 16.70 12.50 -1.16
C TYR A 429 17.70 13.57 -0.73
N GLN A 430 18.97 13.19 -0.70
CA GLN A 430 20.04 14.11 -0.35
C GLN A 430 20.10 15.28 -1.32
N LYS A 431 19.83 15.00 -2.59
CA LYS A 431 19.87 16.04 -3.61
C LYS A 431 18.66 16.96 -3.51
N ALA A 432 17.55 16.40 -3.04
CA ALA A 432 16.31 17.17 -2.89
C ALA A 432 16.44 18.20 -1.78
N LEU A 433 17.22 17.88 -0.75
CA LEU A 433 17.43 18.78 0.37
C LEU A 433 18.35 19.94 -0.02
N ARG A 434 19.23 19.70 -0.99
CA ARG A 434 20.17 20.72 -1.44
C ARG A 434 19.58 21.62 -2.53
N SER A 435 18.55 21.13 -3.21
CA SER A 435 17.92 21.90 -4.28
C SER A 435 17.25 23.16 -3.75
N GLU A 436 16.43 22.99 -2.71
CA GLU A 436 15.77 24.12 -2.06
C GLU A 436 16.06 24.14 -0.56
N ASN A 437 16.29 25.33 -0.03
CA ASN A 437 16.47 25.50 1.40
C ASN A 437 15.12 25.37 2.12
N LEU A 438 14.99 24.35 2.95
CA LEU A 438 13.72 24.06 3.61
C LEU A 438 13.38 25.05 4.72
N TYR A 439 14.39 25.78 5.20
CA TYR A 439 14.16 26.79 6.22
C TYR A 439 13.34 27.95 5.67
N PHE A 440 13.41 28.16 4.36
CA PHE A 440 12.70 29.27 3.72
C PHE A 440 11.61 28.78 2.77
N GLN A 441 11.09 27.59 3.05
CA GLN A 441 10.01 26.97 2.28
C GLN A 441 10.34 26.89 0.79
C17 OLC B . -4.25 0.07 2.47
C16 OLC B . -5.60 -0.43 2.93
C12 OLC B . -9.20 -0.07 4.20
C15 OLC B . -6.67 0.11 2.01
C13 OLC B . -9.05 0.16 2.72
C14 OLC B . -7.94 -0.71 2.16
C10 OLC C . -21.73 18.15 -1.10
C9 OLC C . -21.48 19.47 -0.99
C11 OLC C . -20.84 17.13 -0.41
C8 OLC C . -20.29 19.98 -0.21
C7 OLC C . -20.13 21.46 -0.46
C6 OLC C . -19.98 22.19 0.86
C5 OLC C . -20.22 23.67 0.63
C4 OLC C . -20.85 24.25 1.88
C3 OLC C . -20.49 25.71 2.01
C2 OLC C . -20.81 26.18 3.42
C1 OLC C . -22.21 25.74 3.79
C10 OLC D . 21.60 1.63 0.32
C9 OLC D . 21.34 2.87 0.80
C11 OLC D . 21.65 0.44 1.24
C8 OLC D . 21.10 3.06 2.28
C12 OLC D . 23.09 0.04 1.49
C7 OLC D . 21.62 4.42 2.67
C13 OLC D . 23.30 -1.38 1.04
C6 OLC D . 20.79 5.00 3.78
C5 OLC D . 21.62 5.08 5.04
C4 OLC D . 20.93 5.94 6.06
C3 OLC D . 21.98 6.46 7.03
C2 OLC D . 21.32 6.95 8.28
C1 OLC D . 22.38 7.27 9.32
#